data_5SYD
#
_entry.id   5SYD
#
_cell.length_a   115.436
_cell.length_b   115.436
_cell.length_c   83.145
_cell.angle_alpha   90.000
_cell.angle_beta   90.000
_cell.angle_gamma   120.000
#
_symmetry.space_group_name_H-M   'P 31 2 1'
#
loop_
_entity.id
_entity.type
_entity.pdbx_description
1 polymer 'Azurin, chimeric construct'
2 non-polymer 'COPPER (II) ION'
3 water water
#
_entity_poly.entity_id   1
_entity_poly.type   'polypeptide(L)'
_entity_poly.pdbx_seq_one_letter_code
;MGVMGHNWVLSTAADMQGVVTDGMASGLDKDYLKPDDSRVIAHTKLIGSGEKDSVTFDVSKLKEGEQYMFFCTFPGHSAL
MKGTLTLKGIPGGAECSVDIQGNDQMQFNTNAITVDKSCKQFTVNLSHPGN
;
_entity_poly.pdbx_strand_id   A,B
#
loop_
_chem_comp.id
_chem_comp.type
_chem_comp.name
_chem_comp.formula
CU non-polymer 'COPPER (II) ION' 'Cu 2'
#
# COMPACT_ATOMS: atom_id res chain seq x y z
N MET A 1 -1.15 11.70 14.90
CA MET A 1 0.19 11.17 14.70
C MET A 1 0.17 10.30 13.43
N GLY A 2 1.31 9.98 12.82
CA GLY A 2 2.63 10.23 13.35
C GLY A 2 3.16 8.94 13.96
N VAL A 3 3.12 7.85 13.21
CA VAL A 3 3.78 6.60 13.59
C VAL A 3 4.51 6.03 12.38
N MET A 4 5.71 5.50 12.64
CA MET A 4 6.64 5.02 11.63
C MET A 4 7.39 3.82 12.18
N GLY A 5 7.31 2.69 11.46
CA GLY A 5 8.09 1.52 11.85
C GLY A 5 8.37 0.61 10.67
N HIS A 6 9.45 -0.15 10.80
CA HIS A 6 9.79 -1.20 9.87
C HIS A 6 10.06 -2.47 10.65
N ASN A 7 9.78 -3.61 10.03
CA ASN A 7 10.22 -4.91 10.53
C ASN A 7 10.71 -5.71 9.34
N TRP A 8 11.19 -6.92 9.61
CA TRP A 8 11.72 -7.80 8.58
C TRP A 8 11.13 -9.18 8.81
N VAL A 9 10.30 -9.63 7.86
CA VAL A 9 9.50 -10.84 8.02
C VAL A 9 9.78 -11.73 6.82
N LEU A 10 9.88 -13.04 7.06
CA LEU A 10 10.24 -14.01 6.05
C LEU A 10 9.15 -15.07 5.96
N SER A 11 8.74 -15.39 4.74
CA SER A 11 7.78 -16.46 4.50
C SER A 11 7.95 -16.94 3.06
N THR A 12 7.29 -18.06 2.75
CA THR A 12 7.16 -18.47 1.37
C THR A 12 6.45 -17.37 0.58
N ALA A 13 6.79 -17.27 -0.71
CA ALA A 13 6.16 -16.26 -1.56
C ALA A 13 4.64 -16.40 -1.57
N ALA A 14 4.13 -17.64 -1.46
CA ALA A 14 2.69 -17.86 -1.49
C ALA A 14 2.01 -17.30 -0.24
N ASP A 15 2.63 -17.46 0.92
CA ASP A 15 2.07 -17.01 2.19
C ASP A 15 2.26 -15.52 2.45
N MET A 16 2.93 -14.78 1.57
CA MET A 16 3.29 -13.41 1.89
C MET A 16 2.06 -12.53 2.11
N GLN A 17 1.12 -12.55 1.17
CA GLN A 17 -0.03 -11.65 1.27
C GLN A 17 -0.88 -11.95 2.50
N GLY A 18 -1.07 -13.23 2.80
CA GLY A 18 -1.83 -13.58 3.99
C GLY A 18 -1.19 -13.08 5.27
N VAL A 19 0.14 -13.16 5.35
CA VAL A 19 0.85 -12.69 6.54
C VAL A 19 0.74 -11.17 6.65
N VAL A 20 0.88 -10.47 5.53
CA VAL A 20 0.73 -9.01 5.52
C VAL A 20 -0.66 -8.61 6.01
N THR A 21 -1.70 -9.28 5.53
CA THR A 21 -3.06 -8.87 5.84
C THR A 21 -3.40 -9.10 7.31
N ASP A 22 -3.17 -10.31 7.82
CA ASP A 22 -3.39 -10.57 9.24
C ASP A 22 -2.45 -9.77 10.13
N GLY A 23 -1.30 -9.35 9.59
CA GLY A 23 -0.41 -8.49 10.35
C GLY A 23 -1.01 -7.11 10.57
N MET A 24 -1.53 -6.52 9.49
CA MET A 24 -2.27 -5.26 9.60
C MET A 24 -3.36 -5.34 10.65
N ALA A 25 -4.14 -6.42 10.62
CA ALA A 25 -5.28 -6.57 11.53
C ALA A 25 -4.86 -6.79 12.97
N SER A 26 -3.61 -7.18 13.22
CA SER A 26 -3.18 -7.42 14.59
C SER A 26 -2.77 -6.14 15.30
N GLY A 27 -2.38 -5.12 14.55
CA GLY A 27 -2.18 -3.80 15.10
C GLY A 27 -0.75 -3.52 15.53
N LEU A 28 -0.53 -2.25 15.87
CA LEU A 28 0.79 -1.78 16.25
C LEU A 28 1.34 -2.51 17.48
N ASP A 29 0.46 -2.84 18.44
CA ASP A 29 0.92 -3.43 19.70
C ASP A 29 1.53 -4.82 19.51
N LYS A 30 1.21 -5.50 18.41
CA LYS A 30 1.72 -6.82 18.12
C LYS A 30 2.75 -6.81 16.99
N ASP A 31 3.42 -5.67 16.80
CA ASP A 31 4.41 -5.49 15.74
C ASP A 31 3.82 -5.70 14.36
N TYR A 32 2.51 -5.52 14.24
CA TYR A 32 1.78 -5.76 13.00
C TYR A 32 2.09 -7.15 12.44
N LEU A 33 2.07 -8.15 13.32
CA LEU A 33 2.13 -9.55 12.94
C LEU A 33 1.22 -10.36 13.86
N LYS A 34 0.53 -11.33 13.28
CA LYS A 34 -0.27 -12.24 14.09
C LYS A 34 0.65 -13.07 14.97
N PRO A 35 0.52 -13.02 16.29
CA PRO A 35 1.41 -13.81 17.16
C PRO A 35 1.36 -15.29 16.79
N ASP A 36 2.55 -15.89 16.68
CA ASP A 36 2.71 -17.31 16.38
C ASP A 36 2.13 -17.68 15.02
N ASP A 37 2.25 -16.78 14.04
CA ASP A 37 1.86 -17.11 12.68
C ASP A 37 2.75 -18.23 12.17
N SER A 38 2.14 -19.38 11.88
CA SER A 38 2.91 -20.53 11.40
C SER A 38 3.61 -20.25 10.07
N ARG A 39 3.07 -19.34 9.27
CA ARG A 39 3.64 -19.04 7.97
C ARG A 39 4.92 -18.23 8.05
N VAL A 40 5.24 -17.69 9.22
CA VAL A 40 6.39 -16.80 9.38
C VAL A 40 7.59 -17.64 9.82
N ILE A 41 8.58 -17.75 8.93
CA ILE A 41 9.77 -18.55 9.22
C ILE A 41 10.65 -17.85 10.25
N ALA A 42 10.84 -16.54 10.10
CA ALA A 42 11.57 -15.74 11.08
C ALA A 42 11.18 -14.28 10.89
N HIS A 43 11.39 -13.48 11.93
CA HIS A 43 11.02 -12.07 11.86
C HIS A 43 11.76 -11.29 12.95
N THR A 44 12.03 -10.02 12.66
CA THR A 44 12.49 -9.09 13.67
C THR A 44 11.27 -8.50 14.40
N LYS A 45 11.54 -7.64 15.38
CA LYS A 45 10.46 -6.84 15.94
C LYS A 45 10.27 -5.59 15.09
N LEU A 46 9.25 -4.81 15.44
CA LEU A 46 9.03 -3.51 14.79
C LEU A 46 9.92 -2.49 15.46
N ILE A 47 10.68 -1.73 14.66
CA ILE A 47 11.62 -0.77 15.20
C ILE A 47 11.32 0.60 14.65
N GLY A 48 11.50 1.62 15.49
CA GLY A 48 11.35 3.00 15.06
C GLY A 48 12.66 3.58 14.57
N SER A 49 12.59 4.84 14.15
CA SER A 49 13.78 5.56 13.70
C SER A 49 14.87 5.51 14.77
N GLY A 50 16.08 5.15 14.34
CA GLY A 50 17.22 5.09 15.22
C GLY A 50 17.44 3.78 15.94
N GLU A 51 16.49 2.86 15.88
CA GLU A 51 16.58 1.59 16.60
C GLU A 51 17.13 0.49 15.70
N LYS A 52 17.44 -0.64 16.33
CA LYS A 52 17.97 -1.80 15.63
C LYS A 52 17.42 -3.06 16.27
N ASP A 53 17.35 -4.13 15.48
CA ASP A 53 16.96 -5.44 15.95
C ASP A 53 17.52 -6.48 14.99
N SER A 54 17.73 -7.68 15.51
CA SER A 54 18.27 -8.78 14.72
C SER A 54 17.42 -10.02 14.94
N VAL A 55 17.42 -10.90 13.94
CA VAL A 55 16.83 -12.22 14.07
C VAL A 55 17.78 -13.24 13.44
N THR A 56 17.87 -14.42 14.03
CA THR A 56 18.64 -15.52 13.47
C THR A 56 17.71 -16.72 13.32
N PHE A 57 17.87 -17.47 12.22
CA PHE A 57 17.05 -18.63 11.99
C PHE A 57 17.90 -19.76 11.41
N ASP A 58 17.41 -20.99 11.61
CA ASP A 58 18.07 -22.17 11.09
C ASP A 58 17.90 -22.24 9.57
N VAL A 59 19.02 -22.39 8.85
CA VAL A 59 18.95 -22.58 7.41
C VAL A 59 18.27 -23.90 7.06
N SER A 60 18.20 -24.84 8.01
CA SER A 60 17.48 -26.09 7.78
C SER A 60 16.01 -25.86 7.46
N LYS A 61 15.43 -24.73 7.91
CA LYS A 61 14.03 -24.44 7.63
C LYS A 61 13.76 -24.01 6.19
N LEU A 62 14.80 -23.77 5.39
CA LEU A 62 14.62 -23.42 3.99
C LEU A 62 14.92 -24.62 3.08
N LYS A 63 14.89 -24.37 1.76
CA LYS A 63 14.94 -25.42 0.75
C LYS A 63 15.40 -24.80 -0.56
N GLU A 64 16.30 -25.50 -1.27
CA GLU A 64 17.02 -24.90 -2.38
C GLU A 64 16.10 -24.45 -3.52
N GLY A 65 15.01 -25.18 -3.77
CA GLY A 65 14.15 -24.86 -4.89
C GLY A 65 12.77 -24.39 -4.47
N GLU A 66 12.73 -23.34 -3.66
CA GLU A 66 11.49 -22.72 -3.20
C GLU A 66 11.69 -21.21 -3.23
N GLN A 67 10.58 -20.49 -3.44
CA GLN A 67 10.62 -19.04 -3.46
C GLN A 67 10.28 -18.52 -2.08
N TYR A 68 11.11 -17.65 -1.55
CA TYR A 68 10.89 -17.05 -0.24
C TYR A 68 10.89 -15.54 -0.40
N MET A 69 10.02 -14.88 0.36
CA MET A 69 9.89 -13.44 0.33
C MET A 69 10.22 -12.87 1.69
N PHE A 70 10.96 -11.77 1.70
CA PHE A 70 11.09 -10.95 2.89
C PHE A 70 10.40 -9.61 2.63
N PHE A 71 9.84 -9.05 3.70
CA PHE A 71 8.99 -7.88 3.53
C PHE A 71 8.73 -7.25 4.89
N CYS A 72 8.28 -6.00 4.87
CA CYS A 72 7.79 -5.33 6.05
C CYS A 72 6.27 -5.39 6.09
N THR A 73 5.71 -5.66 7.27
CA THR A 73 4.27 -5.81 7.43
C THR A 73 3.60 -4.54 7.93
N PHE A 74 4.37 -3.49 8.20
CA PHE A 74 3.77 -2.23 8.59
C PHE A 74 2.77 -1.80 7.52
N PRO A 75 1.53 -1.44 7.89
CA PRO A 75 0.46 -1.27 6.89
C PRO A 75 0.86 -0.40 5.72
N GLY A 76 0.75 -0.97 4.51
CA GLY A 76 1.06 -0.29 3.29
C GLY A 76 2.50 -0.42 2.84
N HIS A 77 3.42 -0.72 3.76
CA HIS A 77 4.85 -0.70 3.43
C HIS A 77 5.24 -1.87 2.53
N SER A 78 4.53 -3.00 2.63
CA SER A 78 4.89 -4.19 1.86
C SER A 78 4.85 -3.97 0.35
N ALA A 79 4.22 -2.88 -0.12
CA ALA A 79 4.25 -2.54 -1.54
C ALA A 79 5.67 -2.45 -2.08
N LEU A 80 6.49 -1.56 -1.51
CA LEU A 80 7.86 -1.37 -1.94
C LEU A 80 8.88 -2.04 -1.01
N MET A 81 8.49 -2.45 0.19
CA MET A 81 9.44 -3.06 1.12
C MET A 81 9.28 -4.57 1.08
N LYS A 82 9.76 -5.15 -0.02
CA LYS A 82 9.75 -6.59 -0.18
C LYS A 82 10.93 -6.99 -1.05
N GLY A 83 11.22 -8.29 -1.04
CA GLY A 83 12.29 -8.82 -1.86
C GLY A 83 12.36 -10.32 -1.71
N THR A 84 13.18 -10.93 -2.57
CA THR A 84 13.35 -12.38 -2.56
C THR A 84 14.51 -12.78 -1.65
N LEU A 85 14.39 -13.96 -1.06
CA LEU A 85 15.51 -14.61 -0.38
C LEU A 85 15.58 -16.04 -0.87
N THR A 86 16.76 -16.43 -1.35
CA THR A 86 16.96 -17.73 -1.98
C THR A 86 18.22 -18.38 -1.43
N LEU A 87 18.18 -19.71 -1.36
CA LEU A 87 19.26 -20.50 -0.79
C LEU A 87 20.15 -21.05 -1.91
N LYS A 88 21.46 -20.88 -1.77
CA LYS A 88 22.41 -21.22 -2.82
C LYS A 88 23.70 -21.66 -2.14
N GLY A 89 24.61 -22.20 -2.91
CA GLY A 89 25.96 -22.48 -2.42
C GLY A 89 26.98 -21.77 -3.29
N ILE A 90 27.73 -20.81 -2.75
CA ILE A 90 28.67 -19.98 -3.50
C ILE A 90 30.08 -20.49 -3.21
N PRO A 91 30.98 -20.58 -4.20
CA PRO A 91 32.36 -21.03 -3.91
C PRO A 91 33.05 -20.08 -2.98
N GLY A 92 33.46 -20.57 -1.81
N GLY A 92 33.58 -20.60 -1.87
CA GLY A 92 33.93 -19.71 -0.72
CA GLY A 92 34.47 -19.85 -0.98
C GLY A 92 34.44 -20.41 0.53
C GLY A 92 34.07 -18.42 -0.71
N GLY A 93 33.54 -20.70 1.48
N GLY A 93 32.89 -18.02 -1.16
CA GLY A 93 32.15 -20.31 1.39
CA GLY A 93 32.28 -16.78 -0.79
C GLY A 93 31.55 -19.87 2.72
C GLY A 93 31.43 -17.04 0.43
N ALA A 94 30.95 -18.69 2.73
N ALA A 94 30.26 -16.42 0.51
CA ALA A 94 30.25 -18.19 3.92
CA ALA A 94 29.37 -16.47 1.67
C ALA A 94 29.37 -16.95 3.69
C ALA A 94 29.87 -15.56 2.78
N GLU A 95 29.83 -15.82 4.23
N GLU A 95 29.47 -15.86 4.02
CA GLU A 95 29.00 -14.85 4.96
C GLU A 95 27.61 -15.31 5.34
N CYS A 96 27.35 -15.48 6.63
CA CYS A 96 26.06 -15.99 7.10
C CYS A 96 25.28 -14.91 7.84
N SER A 97 25.37 -13.67 7.36
CA SER A 97 24.63 -12.56 7.93
C SER A 97 24.56 -11.43 6.90
N VAL A 98 23.53 -10.60 7.02
CA VAL A 98 23.35 -9.44 6.13
C VAL A 98 22.78 -8.27 6.94
N ASP A 99 23.15 -7.06 6.54
CA ASP A 99 22.70 -5.82 7.18
C ASP A 99 21.73 -5.09 6.25
N ILE A 100 20.50 -4.89 6.73
CA ILE A 100 19.43 -4.28 5.94
C ILE A 100 18.95 -3.00 6.62
N GLN A 101 18.67 -1.97 5.82
CA GLN A 101 18.11 -0.72 6.30
C GLN A 101 16.75 -0.48 5.64
N GLY A 102 15.78 -0.06 6.44
CA GLY A 102 14.57 0.57 5.95
C GLY A 102 14.58 2.03 6.31
N ASN A 103 14.28 2.89 5.33
CA ASN A 103 14.37 4.32 5.52
C ASN A 103 12.97 4.95 5.53
N ASP A 104 12.91 6.28 5.42
CA ASP A 104 11.66 7.02 5.54
C ASP A 104 10.86 7.05 4.24
N GLN A 105 11.31 6.39 3.18
CA GLN A 105 10.62 6.42 1.90
C GLN A 105 10.09 5.03 1.52
N MET A 106 9.83 4.19 2.52
CA MET A 106 9.28 2.84 2.31
C MET A 106 10.20 1.99 1.44
N GLN A 107 11.50 2.04 1.73
CA GLN A 107 12.49 1.31 0.95
C GLN A 107 13.39 0.48 1.84
N PHE A 108 13.58 -0.78 1.45
CA PHE A 108 14.73 -1.55 1.88
C PHE A 108 15.91 -1.20 0.98
N ASN A 109 17.13 -1.37 1.49
CA ASN A 109 18.31 -1.07 0.68
C ASN A 109 18.81 -2.29 -0.07
N THR A 110 18.09 -3.41 -0.01
CA THR A 110 18.30 -4.54 -0.90
C THR A 110 16.93 -5.11 -1.25
N ASN A 111 16.86 -5.72 -2.44
CA ASN A 111 15.65 -6.42 -2.88
C ASN A 111 15.90 -7.90 -3.15
N ALA A 112 17.08 -8.41 -2.81
CA ALA A 112 17.40 -9.83 -3.01
C ALA A 112 18.48 -10.23 -2.03
N ILE A 113 18.24 -11.33 -1.33
CA ILE A 113 19.16 -11.84 -0.32
C ILE A 113 19.53 -13.27 -0.69
N THR A 114 20.82 -13.57 -0.69
CA THR A 114 21.32 -14.91 -0.94
C THR A 114 21.84 -15.49 0.36
N VAL A 115 21.35 -16.67 0.70
CA VAL A 115 21.83 -17.43 1.85
C VAL A 115 22.64 -18.60 1.34
N ASP A 116 23.88 -18.72 1.82
CA ASP A 116 24.73 -19.84 1.47
C ASP A 116 24.30 -21.07 2.27
N LYS A 117 24.36 -22.25 1.65
CA LYS A 117 23.87 -23.43 2.36
C LYS A 117 24.94 -24.07 3.23
N SER A 118 26.20 -23.63 3.10
CA SER A 118 27.19 -23.98 4.10
C SER A 118 26.84 -23.40 5.47
N CYS A 119 26.06 -22.33 5.50
CA CYS A 119 25.60 -21.75 6.76
C CYS A 119 24.60 -22.69 7.43
N LYS A 120 24.85 -22.97 8.72
CA LYS A 120 23.85 -23.68 9.51
C LYS A 120 22.77 -22.74 10.03
N GLN A 121 23.08 -21.45 10.17
CA GLN A 121 22.16 -20.44 10.66
C GLN A 121 22.48 -19.11 9.99
N PHE A 122 21.47 -18.25 9.88
CA PHE A 122 21.58 -17.00 9.14
C PHE A 122 21.05 -15.85 9.99
N THR A 123 21.66 -14.67 9.85
CA THR A 123 21.42 -13.57 10.78
C THR A 123 21.06 -12.32 9.99
N VAL A 124 19.92 -11.70 10.29
CA VAL A 124 19.53 -10.44 9.66
C VAL A 124 19.64 -9.33 10.69
N ASN A 125 20.40 -8.28 10.36
CA ASN A 125 20.55 -7.11 11.21
C ASN A 125 19.77 -5.98 10.56
N LEU A 126 18.59 -5.69 11.09
CA LEU A 126 17.75 -4.62 10.59
C LEU A 126 18.02 -3.35 11.37
N SER A 127 18.19 -2.24 10.65
CA SER A 127 18.24 -0.93 11.28
C SER A 127 17.26 0.01 10.57
N HIS A 128 16.97 1.10 11.25
CA HIS A 128 15.97 2.08 10.82
C HIS A 128 16.61 3.45 11.04
N PRO A 129 17.48 3.88 10.14
CA PRO A 129 18.28 5.08 10.38
C PRO A 129 17.44 6.35 10.23
N GLY A 130 18.05 7.45 10.63
CA GLY A 130 17.37 8.74 10.68
C GLY A 130 17.40 9.30 12.09
N MET B 1 -5.45 8.84 13.72
CA MET B 1 -5.47 8.72 12.27
C MET B 1 -4.37 7.80 11.75
N GLY B 2 -3.17 7.98 12.31
CA GLY B 2 -1.91 7.43 11.82
C GLY B 2 -1.98 6.08 11.19
N VAL B 3 -1.40 5.96 9.99
CA VAL B 3 -1.29 4.69 9.25
C VAL B 3 -2.57 4.42 8.46
N MET B 4 -3.71 4.94 8.91
CA MET B 4 -4.96 4.54 8.29
C MET B 4 -5.79 5.74 7.84
N GLY B 5 -5.15 6.86 7.53
CA GLY B 5 -5.87 7.95 6.92
C GLY B 5 -6.23 7.62 5.47
N HIS B 6 -7.32 8.20 4.99
CA HIS B 6 -7.73 8.01 3.61
C HIS B 6 -8.08 9.35 2.96
N ASN B 7 -7.84 9.41 1.64
CA ASN B 7 -8.36 10.47 0.80
C ASN B 7 -8.88 9.83 -0.49
N TRP B 8 -9.42 10.65 -1.38
CA TRP B 8 -9.95 10.18 -2.65
C TRP B 8 -9.38 11.07 -3.75
N VAL B 9 -8.59 10.49 -4.64
CA VAL B 9 -7.83 11.22 -5.64
C VAL B 9 -8.14 10.63 -7.00
N LEU B 10 -8.28 11.49 -8.00
CA LEU B 10 -8.66 11.09 -9.34
C LEU B 10 -7.64 11.59 -10.35
N SER B 11 -7.22 10.70 -11.25
CA SER B 11 -6.35 11.05 -12.36
C SER B 11 -6.52 10.02 -13.45
N THR B 12 -5.95 10.32 -14.62
CA THR B 12 -5.82 9.30 -15.65
C THR B 12 -4.98 8.13 -15.13
N ALA B 13 -5.26 6.94 -15.66
CA ALA B 13 -4.56 5.74 -15.23
C ALA B 13 -3.05 5.87 -15.37
N ALA B 14 -2.58 6.61 -16.38
CA ALA B 14 -1.14 6.76 -16.58
C ALA B 14 -0.51 7.60 -15.48
N ASP B 15 -1.20 8.66 -15.05
CA ASP B 15 -0.65 9.59 -14.06
C ASP B 15 -0.77 9.10 -12.62
N MET B 16 -1.42 7.96 -12.37
CA MET B 16 -1.63 7.50 -11.00
C MET B 16 -0.30 7.26 -10.29
N GLN B 17 0.62 6.56 -10.95
CA GLN B 17 1.88 6.22 -10.31
C GLN B 17 2.66 7.48 -9.92
N GLY B 18 2.71 8.47 -10.80
CA GLY B 18 3.40 9.71 -10.49
C GLY B 18 2.75 10.47 -9.34
N VAL B 19 1.41 10.50 -9.31
CA VAL B 19 0.71 11.23 -8.27
C VAL B 19 0.92 10.56 -6.91
N VAL B 20 0.86 9.24 -6.86
CA VAL B 20 1.10 8.51 -5.61
C VAL B 20 2.49 8.80 -5.07
N THR B 21 3.50 8.74 -5.95
CA THR B 21 4.88 8.88 -5.50
C THR B 21 5.18 10.29 -5.01
N ASP B 22 4.86 11.31 -5.81
CA ASP B 22 5.05 12.68 -5.38
C ASP B 22 4.16 13.03 -4.19
N GLY B 23 3.07 12.30 -3.99
CA GLY B 23 2.25 12.53 -2.81
C GLY B 23 2.92 12.08 -1.53
N MET B 24 3.45 10.85 -1.52
CA MET B 24 4.23 10.38 -0.38
C MET B 24 5.36 11.35 -0.05
N ALA B 25 6.08 11.81 -1.08
CA ALA B 25 7.21 12.70 -0.86
C ALA B 25 6.80 14.08 -0.37
N SER B 26 5.52 14.44 -0.51
CA SER B 26 5.07 15.75 -0.07
C SER B 26 4.70 15.79 1.41
N GLY B 27 4.31 14.65 2.00
CA GLY B 27 4.15 14.54 3.44
C GLY B 27 2.73 14.78 3.95
N LEU B 28 2.56 14.47 5.24
CA LEU B 28 1.25 14.54 5.88
C LEU B 28 0.68 15.96 5.89
N ASP B 29 1.54 16.97 6.07
CA ASP B 29 1.06 18.35 6.14
C ASP B 29 0.43 18.81 4.84
N LYS B 30 0.72 18.13 3.73
CA LYS B 30 0.22 18.46 2.41
C LYS B 30 -0.82 17.47 1.92
N ASP B 31 -1.45 16.72 2.85
CA ASP B 31 -2.45 15.70 2.54
C ASP B 31 -1.92 14.62 1.62
N TYR B 32 -0.60 14.39 1.64
CA TYR B 32 0.07 13.43 0.77
C TYR B 32 -0.30 13.65 -0.70
N LEU B 33 -0.25 14.91 -1.12
CA LEU B 33 -0.40 15.28 -2.52
C LEU B 33 0.54 16.41 -2.86
N LYS B 34 1.12 16.35 -4.05
CA LYS B 34 1.96 17.41 -4.58
C LYS B 34 1.10 18.64 -4.82
N PRO B 35 1.40 19.77 -4.17
CA PRO B 35 0.56 20.96 -4.32
C PRO B 35 0.40 21.38 -5.78
N ASP B 36 -0.86 21.62 -6.17
CA ASP B 36 -1.20 22.10 -7.52
C ASP B 36 -0.72 21.13 -8.59
N ASP B 37 -0.74 19.83 -8.28
CA ASP B 37 -0.42 18.83 -9.28
C ASP B 37 -1.44 18.89 -10.39
N SER B 38 -0.98 19.23 -11.60
CA SER B 38 -1.90 19.33 -12.73
C SER B 38 -2.56 18.00 -13.03
N ARG B 39 -1.92 16.88 -12.66
CA ARG B 39 -2.44 15.57 -12.99
C ARG B 39 -3.65 15.16 -12.17
N VAL B 40 -3.96 15.87 -11.07
CA VAL B 40 -5.06 15.48 -10.21
C VAL B 40 -6.32 16.22 -10.68
N ILE B 41 -7.27 15.45 -11.20
CA ILE B 41 -8.50 16.03 -11.72
C ILE B 41 -9.36 16.55 -10.57
N ALA B 42 -9.45 15.78 -9.49
CA ALA B 42 -10.16 16.20 -8.29
C ALA B 42 -9.63 15.38 -7.12
N HIS B 43 -9.85 15.89 -5.92
CA HIS B 43 -9.37 15.20 -4.73
C HIS B 43 -10.11 15.72 -3.51
N THR B 44 -10.33 14.82 -2.55
CA THR B 44 -10.80 15.20 -1.23
C THR B 44 -9.60 15.54 -0.34
N LYS B 45 -9.88 15.94 0.89
CA LYS B 45 -8.82 16.01 1.88
C LYS B 45 -8.64 14.63 2.51
N LEU B 46 -7.61 14.53 3.33
CA LEU B 46 -7.31 13.30 4.05
C LEU B 46 -8.13 13.28 5.34
N ILE B 47 -8.85 12.18 5.59
CA ILE B 47 -9.76 12.12 6.73
C ILE B 47 -9.44 10.91 7.61
N GLY B 48 -9.63 11.10 8.92
CA GLY B 48 -9.52 10.03 9.87
C GLY B 48 -10.86 9.35 10.14
N SER B 49 -10.82 8.35 11.01
CA SER B 49 -12.03 7.63 11.42
C SER B 49 -13.08 8.59 11.96
N GLY B 50 -14.31 8.45 11.45
CA GLY B 50 -15.44 9.24 11.88
C GLY B 50 -15.63 10.55 11.14
N GLU B 51 -14.67 10.96 10.34
CA GLU B 51 -14.74 12.21 9.59
C GLU B 51 -15.25 11.93 8.18
N LYS B 52 -15.59 13.01 7.47
CA LYS B 52 -16.02 12.88 6.08
C LYS B 52 -15.65 14.15 5.33
N ASP B 53 -15.53 14.00 4.01
CA ASP B 53 -15.23 15.14 3.15
C ASP B 53 -15.75 14.83 1.75
N SER B 54 -16.00 15.89 0.98
CA SER B 54 -16.55 15.76 -0.35
C SER B 54 -15.74 16.57 -1.35
N VAL B 55 -15.78 16.13 -2.61
CA VAL B 55 -15.27 16.90 -3.73
C VAL B 55 -16.26 16.79 -4.88
N THR B 56 -16.42 17.88 -5.63
CA THR B 56 -17.20 17.90 -6.85
C THR B 56 -16.32 18.43 -7.97
N PHE B 57 -16.46 17.85 -9.17
CA PHE B 57 -15.65 18.27 -10.31
C PHE B 57 -16.51 18.33 -11.56
N ASP B 58 -16.03 19.12 -12.54
CA ASP B 58 -16.71 19.22 -13.82
C ASP B 58 -16.56 17.91 -14.60
N VAL B 59 -17.70 17.35 -15.04
CA VAL B 59 -17.64 16.18 -15.91
C VAL B 59 -17.02 16.52 -17.26
N SER B 60 -17.01 17.81 -17.63
CA SER B 60 -16.33 18.23 -18.86
C SER B 60 -14.85 17.87 -18.82
N LYS B 61 -14.28 17.76 -17.62
CA LYS B 61 -12.88 17.37 -17.48
C LYS B 61 -12.66 15.89 -17.75
N LEU B 62 -13.74 15.12 -17.95
CA LEU B 62 -13.67 13.71 -18.34
C LEU B 62 -13.92 13.59 -19.84
N LYS B 63 -13.15 12.72 -20.49
CA LYS B 63 -13.28 12.46 -21.91
C LYS B 63 -13.60 10.98 -22.09
N GLU B 64 -14.58 10.68 -22.95
CA GLU B 64 -14.99 9.30 -23.15
C GLU B 64 -13.86 8.50 -23.79
N GLY B 65 -13.85 7.20 -23.50
CA GLY B 65 -12.80 6.34 -23.99
C GLY B 65 -11.56 6.30 -23.13
N GLU B 66 -11.14 7.46 -22.63
CA GLU B 66 -9.99 7.55 -21.73
C GLU B 66 -10.27 6.77 -20.45
N GLN B 67 -9.22 6.16 -19.89
CA GLN B 67 -9.33 5.40 -18.65
C GLN B 67 -8.81 6.23 -17.47
N TYR B 68 -9.59 6.26 -16.39
CA TYR B 68 -9.27 7.03 -15.19
C TYR B 68 -9.24 6.12 -13.96
N MET B 69 -8.32 6.43 -13.04
CA MET B 69 -8.16 5.68 -11.79
C MET B 69 -8.45 6.60 -10.61
N PHE B 70 -9.12 6.06 -9.60
CA PHE B 70 -9.22 6.71 -8.30
C PHE B 70 -8.49 5.89 -7.25
N PHE B 71 -7.94 6.57 -6.24
CA PHE B 71 -7.05 5.89 -5.31
C PHE B 71 -6.82 6.79 -4.10
N CYS B 72 -6.29 6.19 -3.03
CA CYS B 72 -5.79 6.93 -1.89
C CYS B 72 -4.28 7.08 -2.00
N THR B 73 -3.78 8.27 -1.65
CA THR B 73 -2.35 8.58 -1.74
C THR B 73 -1.62 8.41 -0.41
N PHE B 74 -2.32 8.06 0.67
CA PHE B 74 -1.65 7.79 1.92
C PHE B 74 -0.61 6.69 1.70
N PRO B 75 0.64 6.86 2.14
CA PRO B 75 1.72 5.95 1.74
C PRO B 75 1.40 4.47 1.86
N GLY B 76 1.49 3.75 0.74
CA GLY B 76 1.25 2.34 0.71
C GLY B 76 -0.19 1.92 0.42
N HIS B 77 -1.15 2.83 0.62
CA HIS B 77 -2.55 2.44 0.56
C HIS B 77 -3.03 2.15 -0.87
N SER B 78 -2.48 2.84 -1.89
CA SER B 78 -2.98 2.65 -3.25
C SER B 78 -2.84 1.21 -3.74
N ALA B 79 -2.06 0.37 -3.04
CA ALA B 79 -1.98 -1.05 -3.38
C ALA B 79 -3.37 -1.67 -3.47
N LEU B 80 -4.14 -1.60 -2.39
CA LEU B 80 -5.51 -2.10 -2.41
C LEU B 80 -6.56 -1.01 -2.56
N MET B 81 -6.21 0.24 -2.33
CA MET B 81 -7.19 1.33 -2.39
C MET B 81 -7.06 2.05 -3.74
N LYS B 82 -7.55 1.36 -4.76
CA LYS B 82 -7.56 1.90 -6.11
C LYS B 82 -8.80 1.37 -6.82
N GLY B 83 -9.13 1.98 -7.94
CA GLY B 83 -10.24 1.52 -8.74
C GLY B 83 -10.37 2.35 -9.98
N THR B 84 -11.23 1.88 -10.89
CA THR B 84 -11.47 2.56 -12.15
C THR B 84 -12.63 3.55 -12.00
N LEU B 85 -12.55 4.63 -12.76
CA LEU B 85 -13.67 5.53 -12.95
C LEU B 85 -13.81 5.74 -14.45
N THR B 86 -15.00 5.46 -14.98
CA THR B 86 -15.23 5.45 -16.42
C THR B 86 -16.48 6.27 -16.72
N LEU B 87 -16.45 6.94 -17.86
CA LEU B 87 -17.53 7.82 -18.29
C LEU B 87 -18.41 7.04 -19.26
N LYS B 88 -19.63 6.72 -18.83
CA LYS B 88 -20.56 5.91 -19.61
C LYS B 88 -21.98 6.48 -19.46
N GLY B 89 -22.87 5.99 -20.31
N GLY B 89 -22.92 5.98 -20.26
CA GLY B 89 -24.22 6.50 -20.36
CA GLY B 89 -24.31 6.36 -20.09
C GLY B 89 -25.28 5.43 -20.34
C GLY B 89 -25.26 5.31 -20.64
N ILE B 90 -26.06 5.43 -19.28
N ILE B 90 -26.55 5.61 -20.76
CA ILE B 90 -27.08 4.41 -19.04
CA ILE B 90 -27.23 6.78 -20.19
C ILE B 90 -28.43 5.08 -19.19
C ILE B 90 -28.68 6.48 -19.77
N PRO B 91 -29.44 4.37 -19.73
N PRO B 91 -29.08 5.16 -19.71
CA PRO B 91 -30.77 4.95 -19.96
CA PRO B 91 -30.49 4.83 -19.94
C PRO B 91 -31.33 5.91 -18.90
C PRO B 91 -31.47 5.54 -19.02
N GLY B 92 -30.86 5.81 -17.66
N GLY B 92 -31.69 4.99 -17.83
CA GLY B 92 -31.48 6.55 -16.57
CA GLY B 92 -32.43 5.69 -16.80
C GLY B 92 -31.23 8.05 -16.53
C GLY B 92 -31.50 6.59 -16.01
N GLY B 93 -30.57 8.49 -15.46
N GLY B 93 -31.23 6.24 -14.76
CA GLY B 93 -30.37 9.90 -15.17
CA GLY B 93 -30.19 6.90 -13.99
C GLY B 93 -28.95 10.42 -14.92
C GLY B 93 -28.86 6.77 -14.72
N ALA B 94 -28.16 9.79 -14.05
N ALA B 94 -27.96 7.77 -14.67
N ALA B 94 -28.08 9.92 -13.75
CA ALA B 94 -28.51 8.60 -13.26
CA ALA B 94 -27.92 8.96 -13.80
CA ALA B 94 -28.54 8.67 -13.13
C ALA B 94 -27.81 8.64 -11.90
C ALA B 94 -27.80 8.61 -12.32
C ALA B 94 -27.99 8.54 -11.71
N GLU B 95 -28.16 9.64 -11.09
N GLU B 95 -27.95 9.64 -11.48
CA GLU B 95 -27.44 9.98 -9.87
CA GLU B 95 -27.43 9.74 -10.11
C GLU B 95 -26.04 10.46 -10.20
C GLU B 95 -25.99 10.24 -10.19
N CYS B 96 -25.78 11.75 -10.00
N CYS B 96 -25.79 11.55 -10.03
CA CYS B 96 -24.47 12.36 -10.24
CA CYS B 96 -24.51 12.21 -10.28
C CYS B 96 -23.65 12.46 -8.97
C CYS B 96 -23.72 12.45 -8.99
N SER B 97 -23.77 11.49 -8.08
CA SER B 97 -22.98 11.51 -6.86
C SER B 97 -22.81 10.07 -6.37
N VAL B 98 -21.74 9.85 -5.62
CA VAL B 98 -21.47 8.52 -5.07
C VAL B 98 -20.89 8.66 -3.67
N ASP B 99 -21.20 7.68 -2.82
CA ASP B 99 -20.74 7.63 -1.44
C ASP B 99 -19.70 6.52 -1.31
N ILE B 100 -18.48 6.89 -0.96
CA ILE B 100 -17.37 5.95 -0.87
C ILE B 100 -16.85 5.91 0.55
N GLN B 101 -16.53 4.71 1.03
CA GLN B 101 -15.96 4.50 2.35
C GLN B 101 -14.59 3.86 2.24
N GLY B 102 -13.64 4.39 3.01
CA GLY B 102 -12.39 3.70 3.31
C GLY B 102 -12.44 3.20 4.73
N ASN B 103 -12.03 1.94 4.93
CA ASN B 103 -12.23 1.30 6.21
C ASN B 103 -10.93 1.17 6.99
N ASP B 104 -10.98 0.36 8.06
CA ASP B 104 -9.87 0.19 8.98
C ASP B 104 -8.85 -0.82 8.50
N GLN B 105 -9.08 -1.46 7.35
CA GLN B 105 -8.19 -2.45 6.78
C GLN B 105 -7.69 -2.04 5.39
N MET B 106 -7.57 -0.73 5.14
CA MET B 106 -6.96 -0.22 3.91
C MET B 106 -7.75 -0.63 2.66
N GLN B 107 -9.07 -0.50 2.72
CA GLN B 107 -9.94 -0.86 1.61
C GLN B 107 -10.98 0.22 1.34
N PHE B 108 -11.18 0.53 0.06
CA PHE B 108 -12.40 1.19 -0.41
C PHE B 108 -13.51 0.15 -0.57
N ASN B 109 -14.76 0.61 -0.48
CA ASN B 109 -15.88 -0.32 -0.64
C ASN B 109 -16.39 -0.41 -2.07
N THR B 110 -15.73 0.24 -3.03
CA THR B 110 -15.95 0.00 -4.44
C THR B 110 -14.61 0.10 -5.16
N ASN B 111 -14.48 -0.61 -6.29
CA ASN B 111 -13.29 -0.53 -7.12
C ASN B 111 -13.60 -0.05 -8.53
N ALA B 112 -14.82 0.42 -8.80
CA ALA B 112 -15.18 0.92 -10.12
C ALA B 112 -16.32 1.90 -10.00
N ILE B 113 -16.16 3.07 -10.62
CA ILE B 113 -17.14 4.15 -10.56
C ILE B 113 -17.54 4.50 -11.98
N THR B 114 -18.85 4.60 -12.23
CA THR B 114 -19.38 5.02 -13.51
C THR B 114 -20.00 6.41 -13.38
N VAL B 115 -19.57 7.33 -14.23
CA VAL B 115 -20.12 8.69 -14.29
C VAL B 115 -20.93 8.82 -15.57
N ASP B 116 -22.19 9.23 -15.44
CA ASP B 116 -23.07 9.47 -16.58
C ASP B 116 -22.74 10.83 -17.19
N LYS B 117 -22.82 10.97 -18.54
CA LYS B 117 -22.43 12.27 -19.10
C LYS B 117 -23.55 13.27 -19.06
N SER B 118 -24.80 12.83 -18.87
N SER B 118 -24.80 12.83 -18.86
CA SER B 118 -25.86 13.78 -18.60
CA SER B 118 -25.86 13.78 -18.58
C SER B 118 -25.54 14.63 -17.39
C SER B 118 -25.53 14.65 -17.38
N CYS B 119 -24.66 14.15 -16.51
N CYS B 119 -24.68 14.15 -16.48
CA CYS B 119 -24.16 14.94 -15.40
CA CYS B 119 -24.16 14.94 -15.37
C CYS B 119 -23.26 16.06 -15.91
C CYS B 119 -23.26 16.05 -15.89
N LYS B 120 -23.59 17.30 -15.53
CA LYS B 120 -22.68 18.40 -15.80
C LYS B 120 -21.54 18.41 -14.78
N GLN B 121 -21.78 17.88 -13.58
CA GLN B 121 -20.75 17.78 -12.55
C GLN B 121 -21.05 16.56 -11.69
N PHE B 122 -20.01 16.03 -11.06
CA PHE B 122 -20.07 14.79 -10.29
C PHE B 122 -19.49 15.02 -8.90
N THR B 123 -20.07 14.35 -7.90
CA THR B 123 -19.77 14.63 -6.49
C THR B 123 -19.45 13.32 -5.77
N VAL B 124 -18.29 13.30 -5.11
CA VAL B 124 -17.85 12.16 -4.32
C VAL B 124 -17.94 12.49 -2.84
N ASN B 125 -18.64 11.65 -2.08
CA ASN B 125 -18.77 11.77 -0.63
C ASN B 125 -17.95 10.67 0.04
N LEU B 126 -16.77 11.04 0.56
CA LEU B 126 -15.91 10.11 1.25
C LEU B 126 -16.20 10.13 2.74
N SER B 127 -16.35 8.95 3.34
CA SER B 127 -16.40 8.81 4.79
C SER B 127 -15.47 7.69 5.22
N HIS B 128 -15.20 7.64 6.53
CA HIS B 128 -14.29 6.67 7.12
C HIS B 128 -14.90 6.17 8.43
N PRO B 129 -15.93 5.32 8.34
CA PRO B 129 -16.64 4.90 9.55
C PRO B 129 -15.89 3.82 10.31
N GLY B 130 -16.44 3.46 11.48
CA GLY B 130 -15.89 2.42 12.31
C GLY B 130 -16.89 1.64 13.13
N ASN B 131 -17.07 0.35 12.82
CA ASN B 131 -16.38 -0.27 11.69
C ASN B 131 -17.26 -0.22 10.45
CU CU C . 7.66 -15.26 16.43
CU CU D . 8.17 -0.69 6.98
CU CU E . -2.90 9.63 13.95
CU CU F . -5.99 5.36 2.49
#